data_8AHQ
#
_entry.id   8AHQ
#
_cell.length_a   144.878
_cell.length_b   144.878
_cell.length_c   88.781
_cell.angle_alpha   90.000
_cell.angle_beta   90.000
_cell.angle_gamma   120.000
#
_symmetry.space_group_name_H-M   'H 3'
#
loop_
_entity.id
_entity.type
_entity.pdbx_description
1 polymer 'Enoyl-CoA hydratase'
2 polymer 'Hybrid polyketide synthase-non ribosomal peptide synthetase'
3 non-polymer 1,2-ETHANEDIOL
4 non-polymer 'CHLORIDE ION'
5 non-polymer 'SODIUM ION'
6 non-polymer "4'-PHOSPHOPANTETHEINE"
7 water water
#
loop_
_entity_poly.entity_id
_entity_poly.type
_entity_poly.pdbx_seq_one_letter_code
_entity_poly.pdbx_strand_id
1 'polypeptide(L)'
;GPGSVRVVRGRGLLRAVLDRPERRNPIDAGLLTSLARALDQAESDQDCRVFVLSSTGEDFCAGTDLSGGDPAPEPLPDGA
ELPYWTLLERLTRSPLATVAVVDGRATAGGVGLAAACDLVLAGERARFRLTEVLAGLVPA(MSE)ALPFVARRTGEQRAF
AATLRAEEFDAGAAHRVGLADLAGPRAEDLLPPVLAGLGRTDRSTTAALKEYRARLFPRDARLGHDASRLLIERFAAPGT
GQLLARLREAGAAA
;
A,B
2 'polypeptide(L)'
;GPGSAVAVDPAPVARALREELARTLYCEPGDIDDEASFNTLGLDSILGVEFVAFVNQTYGLDEKAGILYDHPSLAALSRH
VAGRAAPV
;
C,D
#
# COMPACT_ATOMS: atom_id res chain seq x y z
N PRO A 2 -6.28 21.80 24.52
CA PRO A 2 -4.95 21.87 25.14
C PRO A 2 -4.62 20.60 25.95
N GLY A 3 -5.05 19.44 25.44
CA GLY A 3 -4.70 18.10 25.94
C GLY A 3 -4.61 17.08 24.80
N SER A 4 -4.12 15.88 25.11
CA SER A 4 -3.96 14.79 24.13
C SER A 4 -5.30 14.04 23.89
N VAL A 5 -6.33 14.33 24.67
CA VAL A 5 -7.71 13.81 24.43
C VAL A 5 -8.69 14.97 24.37
N ARG A 6 -9.44 15.07 23.28
CA ARG A 6 -10.55 16.04 23.13
C ARG A 6 -11.84 15.24 23.33
N VAL A 7 -12.69 15.76 24.19
CA VAL A 7 -13.90 15.10 24.73
C VAL A 7 -15.13 15.73 24.06
N VAL A 8 -16.03 14.92 23.49
CA VAL A 8 -17.29 15.44 22.87
C VAL A 8 -18.46 14.61 23.41
N ARG A 9 -19.53 15.29 23.80
CA ARG A 9 -20.79 14.70 24.34
C ARG A 9 -21.76 14.57 23.16
N GLY A 10 -22.47 13.45 23.10
CA GLY A 10 -23.62 13.31 22.19
C GLY A 10 -24.76 12.62 22.92
N ARG A 11 -25.76 12.13 22.19
CA ARG A 11 -26.98 11.53 22.78
C ARG A 11 -26.63 10.15 23.35
N GLY A 12 -26.59 10.04 24.67
CA GLY A 12 -26.21 8.80 25.38
C GLY A 12 -24.81 8.32 25.01
N LEU A 13 -23.91 9.21 24.60
CA LEU A 13 -22.49 8.86 24.38
C LEU A 13 -21.54 9.99 24.78
N LEU A 14 -20.31 9.57 25.07
CA LEU A 14 -19.13 10.45 25.21
C LEU A 14 -18.07 9.91 24.23
N ARG A 15 -17.55 10.83 23.43
CA ARG A 15 -16.49 10.51 22.45
C ARG A 15 -15.15 11.07 22.92
N ALA A 16 -14.18 10.21 23.13
CA ALA A 16 -12.80 10.60 23.44
C ALA A 16 -11.99 10.55 22.14
N VAL A 17 -11.52 11.72 21.70
CA VAL A 17 -10.72 11.82 20.44
C VAL A 17 -9.24 11.97 20.75
N LEU A 18 -8.42 11.02 20.31
CA LEU A 18 -6.94 11.16 20.42
C LEU A 18 -6.63 12.37 19.54
N ASP A 19 -5.94 13.39 20.07
CA ASP A 19 -5.87 14.73 19.42
C ASP A 19 -4.44 15.27 19.36
N ARG A 20 -3.46 14.38 19.17
CA ARG A 20 -2.04 14.77 18.94
C ARG A 20 -1.60 14.16 17.58
N PRO A 21 -2.21 14.45 16.39
CA PRO A 21 -1.81 13.82 15.13
C PRO A 21 -0.35 14.13 14.70
N GLU A 22 0.14 15.32 15.04
CA GLU A 22 1.52 15.75 14.68
C GLU A 22 2.53 14.86 15.41
N ARG A 23 2.13 14.28 16.53
CA ARG A 23 3.02 13.38 17.29
C ARG A 23 2.63 11.92 17.03
N ARG A 24 1.65 11.68 16.15
CA ARG A 24 1.13 10.33 15.80
C ARG A 24 0.39 9.71 17.00
N ASN A 25 -0.23 10.52 17.86
CA ASN A 25 -1.11 9.96 18.91
C ASN A 25 -0.39 8.85 19.66
N PRO A 26 0.80 9.15 20.23
CA PRO A 26 1.53 8.19 21.05
C PRO A 26 0.85 7.98 22.40
N ILE A 27 1.14 6.81 23.00
CA ILE A 27 0.82 6.54 24.42
C ILE A 27 1.94 7.10 25.30
N ASP A 28 1.58 7.94 26.24
CA ASP A 28 2.40 8.42 27.38
C ASP A 28 1.43 8.55 28.56
N ALA A 29 1.91 9.07 29.69
CA ALA A 29 1.22 9.24 30.99
C ALA A 29 -0.07 10.03 30.79
N GLY A 30 0.05 11.19 30.17
CA GLY A 30 -1.06 12.14 29.95
C GLY A 30 -2.16 11.57 29.07
N LEU A 31 -1.83 10.83 28.03
CA LEU A 31 -2.84 10.15 27.19
C LEU A 31 -3.60 9.13 28.05
N LEU A 32 -2.90 8.33 28.86
CA LEU A 32 -3.57 7.29 29.69
C LEU A 32 -4.40 7.96 30.77
N THR A 33 -3.91 9.01 31.44
CA THR A 33 -4.76 9.71 32.45
C THR A 33 -5.96 10.39 31.78
N SER A 34 -5.76 11.10 30.68
CA SER A 34 -6.81 11.87 29.94
C SER A 34 -7.91 10.89 29.53
N LEU A 35 -7.52 9.71 29.04
CA LEU A 35 -8.49 8.67 28.62
C LEU A 35 -9.23 8.12 29.83
N ALA A 36 -8.52 7.79 30.91
CA ALA A 36 -9.11 7.28 32.18
C ALA A 36 -10.09 8.35 32.71
N ARG A 37 -9.76 9.63 32.57
CA ARG A 37 -10.62 10.74 33.07
C ARG A 37 -11.85 10.86 32.15
N ALA A 38 -11.72 10.68 30.83
CA ALA A 38 -12.87 10.72 29.91
C ALA A 38 -13.83 9.61 30.31
N LEU A 39 -13.29 8.42 30.57
CA LEU A 39 -14.10 7.22 30.87
C LEU A 39 -14.86 7.49 32.17
N ASP A 40 -14.22 8.15 33.13
CA ASP A 40 -14.80 8.52 34.45
C ASP A 40 -16.04 9.48 34.26
N GLN A 41 -15.87 10.48 33.39
CA GLN A 41 -16.92 11.50 33.11
C GLN A 41 -18.10 10.79 32.40
N ALA A 42 -17.79 9.87 31.48
CA ALA A 42 -18.82 9.09 30.76
C ALA A 42 -19.61 8.23 31.78
N GLU A 43 -18.89 7.45 32.60
CA GLU A 43 -19.52 6.47 33.58
C GLU A 43 -20.32 7.23 34.64
N SER A 44 -19.89 8.45 35.04
CA SER A 44 -20.58 9.28 36.07
C SER A 44 -21.91 9.81 35.50
N ASP A 45 -22.06 9.97 34.17
CA ASP A 45 -23.35 10.38 33.57
C ASP A 45 -24.23 9.12 33.46
N GLN A 46 -25.25 8.99 34.32
CA GLN A 46 -26.18 7.81 34.37
C GLN A 46 -26.96 7.66 33.04
N ASP A 47 -27.02 8.70 32.20
CA ASP A 47 -27.71 8.66 30.86
C ASP A 47 -26.74 8.23 29.74
N CYS A 48 -25.43 8.25 30.01
CA CYS A 48 -24.40 7.77 29.06
C CYS A 48 -24.47 6.23 28.96
N ARG A 49 -24.45 5.71 27.75
CA ARG A 49 -24.49 4.24 27.46
C ARG A 49 -23.28 3.81 26.63
N VAL A 50 -22.64 4.74 25.93
CA VAL A 50 -21.56 4.39 24.97
C VAL A 50 -20.36 5.31 25.17
N PHE A 51 -19.17 4.70 25.19
CA PHE A 51 -17.88 5.40 25.12
C PHE A 51 -17.25 5.19 23.74
N VAL A 52 -17.05 6.28 22.98
CA VAL A 52 -16.50 6.17 21.60
C VAL A 52 -15.06 6.66 21.63
N LEU A 53 -14.16 5.81 21.15
CA LEU A 53 -12.73 6.11 21.07
C LEU A 53 -12.37 6.32 19.61
N SER A 54 -11.99 7.53 19.26
CA SER A 54 -11.62 7.87 17.86
C SER A 54 -10.33 8.70 17.85
N SER A 55 -9.82 9.00 16.67
CA SER A 55 -8.50 9.64 16.58
C SER A 55 -8.43 10.62 15.42
N THR A 56 -7.22 11.05 15.13
CA THR A 56 -6.89 12.18 14.23
C THR A 56 -5.72 11.74 13.33
N GLY A 57 -5.74 12.17 12.06
CA GLY A 57 -4.60 12.02 11.14
C GLY A 57 -4.44 10.56 10.71
N GLU A 58 -3.21 10.22 10.37
CA GLU A 58 -2.81 8.95 9.74
C GLU A 58 -2.56 7.87 10.79
N ASP A 59 -2.40 8.29 12.05
CA ASP A 59 -2.07 7.38 13.18
C ASP A 59 -3.26 7.32 14.16
N PHE A 60 -3.98 6.21 14.18
CA PHE A 60 -5.01 5.98 15.20
C PHE A 60 -4.32 6.21 16.54
N CYS A 61 -3.26 5.42 16.76
CA CYS A 61 -2.39 5.46 17.97
C CYS A 61 -1.09 4.73 17.63
N ALA A 62 0.06 5.39 17.77
CA ALA A 62 1.39 4.85 17.38
C ALA A 62 2.00 4.02 18.53
N GLY A 63 1.34 3.87 19.69
CA GLY A 63 1.96 3.15 20.82
C GLY A 63 2.95 4.06 21.56
N THR A 64 3.76 3.47 22.44
CA THR A 64 4.62 4.21 23.40
C THR A 64 5.59 5.10 22.61
N ASP A 65 5.74 6.34 23.07
CA ASP A 65 6.47 7.43 22.35
C ASP A 65 7.97 7.14 22.47
N LEU A 66 8.65 7.00 21.31
CA LEU A 66 10.13 6.77 21.18
C LEU A 66 10.80 8.03 20.61
N SER A 67 10.08 9.15 20.58
CA SER A 67 10.52 10.42 19.94
C SER A 67 11.78 10.96 20.65
N GLU A 74 10.26 2.64 34.80
CA GLU A 74 9.03 2.72 35.62
C GLU A 74 9.10 1.72 36.79
N PRO A 75 8.91 2.11 38.08
CA PRO A 75 8.90 1.13 39.16
C PRO A 75 7.56 0.39 39.16
N LEU A 76 7.55 -0.86 39.67
CA LEU A 76 6.32 -1.70 39.73
C LEU A 76 6.18 -2.40 41.09
N PRO A 77 5.43 -1.78 42.03
CA PRO A 77 5.13 -2.41 43.32
C PRO A 77 4.39 -3.74 43.14
N ASP A 78 4.45 -4.58 44.17
CA ASP A 78 3.74 -5.88 44.24
C ASP A 78 2.26 -5.66 43.96
N GLY A 79 1.67 -6.58 43.19
CA GLY A 79 0.26 -6.50 42.78
C GLY A 79 -0.03 -5.31 41.87
N ALA A 80 0.92 -4.37 41.67
CA ALA A 80 0.71 -3.15 40.84
C ALA A 80 0.67 -3.55 39.36
N GLU A 81 -0.10 -2.77 38.60
CA GLU A 81 -0.29 -2.87 37.13
C GLU A 81 0.09 -1.52 36.51
N LEU A 82 0.72 -1.53 35.33
CA LEU A 82 0.94 -0.25 34.61
C LEU A 82 -0.43 0.33 34.22
N PRO A 83 -0.55 1.67 34.21
CA PRO A 83 -1.79 2.34 33.79
C PRO A 83 -2.39 1.84 32.45
N TYR A 84 -1.56 1.45 31.49
CA TYR A 84 -2.02 0.93 30.17
C TYR A 84 -2.95 -0.27 30.43
N TRP A 85 -2.48 -1.22 31.23
CA TRP A 85 -3.27 -2.42 31.58
C TRP A 85 -4.58 -2.02 32.22
N THR A 86 -4.51 -1.11 33.20
CA THR A 86 -5.68 -0.61 33.94
C THR A 86 -6.69 -0.06 32.95
N LEU A 87 -6.24 0.73 31.96
CA LEU A 87 -7.16 1.33 30.97
C LEU A 87 -7.76 0.25 30.07
N LEU A 88 -6.93 -0.65 29.51
CA LEU A 88 -7.50 -1.72 28.67
C LEU A 88 -8.52 -2.52 29.49
N GLU A 89 -8.23 -2.82 30.75
CA GLU A 89 -9.22 -3.65 31.52
C GLU A 89 -10.52 -2.86 31.62
N ARG A 90 -10.43 -1.58 31.98
CA ARG A 90 -11.60 -0.68 32.13
C ARG A 90 -12.44 -0.76 30.87
N LEU A 91 -11.84 -0.77 29.67
CA LEU A 91 -12.59 -0.75 28.39
C LEU A 91 -13.36 -2.07 28.23
N THR A 92 -12.87 -3.17 28.84
CA THR A 92 -13.57 -4.49 28.79
C THR A 92 -14.60 -4.60 29.92
N ARG A 93 -14.48 -3.81 31.00
CA ARG A 93 -15.34 -3.99 32.21
C ARG A 93 -16.33 -2.83 32.36
N SER A 94 -16.11 -1.66 31.73
CA SER A 94 -17.01 -0.47 31.82
C SER A 94 -18.44 -0.92 31.55
N PRO A 95 -19.44 -0.38 32.27
CA PRO A 95 -20.84 -0.64 31.96
C PRO A 95 -21.28 -0.04 30.62
N LEU A 96 -20.51 0.92 30.09
CA LEU A 96 -20.70 1.49 28.73
C LEU A 96 -20.18 0.51 27.68
N ALA A 97 -20.88 0.42 26.54
CA ALA A 97 -20.32 -0.13 25.29
C ALA A 97 -19.16 0.76 24.85
N THR A 98 -17.98 0.15 24.63
CA THR A 98 -16.75 0.80 24.14
C THR A 98 -16.55 0.45 22.67
N VAL A 99 -16.51 1.49 21.84
CA VAL A 99 -16.36 1.39 20.38
C VAL A 99 -15.09 2.13 19.95
N ALA A 100 -14.17 1.40 19.30
CA ALA A 100 -12.95 1.97 18.70
C ALA A 100 -13.25 2.30 17.24
N VAL A 101 -12.93 3.52 16.80
CA VAL A 101 -13.12 3.97 15.41
C VAL A 101 -11.71 4.14 14.79
N VAL A 102 -11.30 3.20 13.93
CA VAL A 102 -9.90 3.12 13.41
C VAL A 102 -9.85 3.40 11.89
N ASP A 103 -9.27 4.56 11.54
CA ASP A 103 -9.14 5.03 10.13
C ASP A 103 -7.67 5.35 9.84
N GLY A 104 -6.73 4.88 10.67
CA GLY A 104 -5.27 5.02 10.47
C GLY A 104 -4.48 3.95 11.21
N ARG A 105 -3.18 4.18 11.38
CA ARG A 105 -2.24 3.15 11.87
C ARG A 105 -2.46 2.99 13.37
N ALA A 106 -2.81 1.76 13.78
CA ALA A 106 -2.68 1.29 15.18
C ALA A 106 -1.40 0.46 15.26
N THR A 107 -0.44 0.90 16.04
CA THR A 107 0.93 0.31 16.08
C THR A 107 1.28 0.00 17.52
N ALA A 108 1.91 -1.14 17.74
CA ALA A 108 2.37 -1.57 19.07
C ALA A 108 1.18 -1.38 20.01
N GLY A 109 1.33 -0.58 21.06
CA GLY A 109 0.34 -0.40 22.13
C GLY A 109 -1.00 0.09 21.60
N GLY A 110 -0.98 0.77 20.45
CA GLY A 110 -2.24 1.22 19.79
C GLY A 110 -3.16 0.06 19.42
N VAL A 111 -2.59 -1.10 19.09
CA VAL A 111 -3.40 -2.28 18.72
C VAL A 111 -4.19 -2.71 19.98
N GLY A 112 -3.58 -2.75 21.15
CA GLY A 112 -4.28 -3.18 22.37
C GLY A 112 -5.42 -2.25 22.73
N LEU A 113 -5.18 -0.96 22.55
CA LEU A 113 -6.12 0.10 22.94
C LEU A 113 -7.39 -0.09 22.08
N ALA A 114 -7.24 -0.32 20.79
CA ALA A 114 -8.42 -0.61 19.94
C ALA A 114 -9.04 -1.95 20.36
N ALA A 115 -8.21 -2.97 20.61
CA ALA A 115 -8.70 -4.38 20.73
C ALA A 115 -9.52 -4.56 22.00
N ALA A 116 -9.17 -3.79 23.04
CA ALA A 116 -9.83 -3.82 24.36
C ALA A 116 -11.25 -3.22 24.30
N CYS A 117 -11.64 -2.47 23.25
CA CYS A 117 -13.03 -1.98 23.09
C CYS A 117 -13.92 -3.15 22.67
N ASP A 118 -15.19 -3.09 23.07
CA ASP A 118 -16.25 -4.10 22.78
C ASP A 118 -16.36 -4.29 21.26
N LEU A 119 -16.41 -3.20 20.50
CA LEU A 119 -16.59 -3.23 19.03
C LEU A 119 -15.46 -2.42 18.38
N VAL A 120 -14.83 -3.01 17.34
CA VAL A 120 -13.79 -2.33 16.53
C VAL A 120 -14.32 -2.12 15.10
N LEU A 121 -14.36 -0.85 14.69
CA LEU A 121 -14.71 -0.38 13.35
C LEU A 121 -13.43 0.01 12.62
N ALA A 122 -13.17 -0.55 11.44
CA ALA A 122 -11.92 -0.29 10.67
C ALA A 122 -12.28 0.28 9.30
N GLY A 123 -11.68 1.41 8.93
CA GLY A 123 -11.85 2.01 7.60
C GLY A 123 -10.69 1.65 6.68
N GLU A 124 -10.70 2.21 5.48
CA GLU A 124 -9.79 1.88 4.38
C GLU A 124 -8.35 2.06 4.87
N ARG A 125 -8.08 3.06 5.72
CA ARG A 125 -6.69 3.43 6.08
C ARG A 125 -6.29 2.76 7.39
N ALA A 126 -7.17 1.96 7.99
CA ALA A 126 -6.86 1.21 9.23
C ALA A 126 -5.69 0.26 8.98
N ARG A 127 -4.74 0.23 9.90
CA ARG A 127 -3.65 -0.79 9.84
C ARG A 127 -3.40 -1.21 11.27
N PHE A 128 -3.18 -2.48 11.51
CA PHE A 128 -2.83 -2.96 12.87
C PHE A 128 -1.53 -3.73 12.78
N ARG A 129 -0.56 -3.41 13.65
CA ARG A 129 0.67 -4.22 13.68
C ARG A 129 1.32 -4.10 15.07
N LEU A 130 1.62 -5.23 15.69
CA LEU A 130 2.50 -5.34 16.88
C LEU A 130 3.92 -5.48 16.34
N THR A 131 4.68 -4.40 16.50
CA THR A 131 6.10 -4.27 16.11
C THR A 131 6.97 -4.71 17.29
N GLU A 132 6.40 -5.08 18.42
CA GLU A 132 7.20 -5.26 19.66
C GLU A 132 8.40 -6.21 19.47
N VAL A 133 8.28 -7.37 18.79
CA VAL A 133 9.39 -8.37 18.74
C VAL A 133 10.56 -7.77 17.96
N LEU A 134 10.29 -6.87 17.03
CA LEU A 134 11.36 -6.19 16.28
C LEU A 134 12.20 -5.32 17.20
N ALA A 135 11.69 -4.95 18.39
CA ALA A 135 12.43 -4.14 19.39
C ALA A 135 12.89 -5.00 20.58
N GLY A 136 12.84 -6.33 20.45
CA GLY A 136 13.21 -7.25 21.54
C GLY A 136 12.16 -7.27 22.65
N LEU A 137 10.93 -6.82 22.38
CA LEU A 137 9.86 -6.79 23.42
C LEU A 137 8.80 -7.87 23.10
N VAL A 138 8.19 -8.34 24.17
CA VAL A 138 6.88 -9.05 24.15
C VAL A 138 5.76 -8.06 24.45
N PRO A 139 4.74 -7.94 23.57
CA PRO A 139 3.61 -7.06 23.86
C PRO A 139 2.63 -7.71 24.86
N ALA A 140 3.10 -7.92 26.09
CA ALA A 140 2.43 -8.77 27.09
C ALA A 140 1.10 -8.13 27.52
N ALA A 142 -0.88 -5.96 25.75
CA ALA A 142 -1.89 -5.91 24.69
C ALA A 142 -2.37 -7.32 24.30
N LEU A 143 -1.54 -8.34 24.47
CA LEU A 143 -1.83 -9.67 23.87
C LEU A 143 -3.18 -10.23 24.35
N PRO A 144 -3.56 -10.18 25.64
CA PRO A 144 -4.82 -10.80 26.09
C PRO A 144 -6.06 -10.17 25.42
N PHE A 145 -5.96 -8.89 25.07
CA PHE A 145 -7.03 -8.12 24.42
C PHE A 145 -7.05 -8.45 22.93
N VAL A 146 -5.89 -8.70 22.33
CA VAL A 146 -5.87 -9.18 20.93
C VAL A 146 -6.35 -10.64 20.90
N ALA A 147 -5.77 -11.52 21.73
CA ALA A 147 -6.03 -12.97 21.70
C ALA A 147 -7.52 -13.28 21.96
N ARG A 148 -8.22 -12.48 22.78
CA ARG A 148 -9.65 -12.70 23.09
C ARG A 148 -10.50 -12.39 21.83
N ARG A 149 -9.90 -11.71 20.83
CA ARG A 149 -10.55 -11.42 19.51
C ARG A 149 -10.09 -12.41 18.41
N THR A 150 -8.77 -12.69 18.32
CA THR A 150 -8.15 -13.39 17.15
C THR A 150 -8.04 -14.92 17.41
N GLY A 151 -8.16 -15.33 18.67
CA GLY A 151 -7.66 -16.61 19.20
C GLY A 151 -6.14 -16.57 19.42
N GLU A 152 -5.65 -17.51 20.21
CA GLU A 152 -4.24 -17.50 20.67
C GLU A 152 -3.26 -17.68 19.51
N GLN A 153 -3.51 -18.62 18.58
CA GLN A 153 -2.54 -18.91 17.50
C GLN A 153 -2.30 -17.65 16.68
N ARG A 154 -3.37 -17.05 16.16
CA ARG A 154 -3.21 -15.88 15.26
C ARG A 154 -2.59 -14.70 16.04
N ALA A 155 -2.86 -14.51 17.32
CA ALA A 155 -2.31 -13.37 18.10
C ALA A 155 -0.79 -13.62 18.33
N PHE A 156 -0.42 -14.85 18.70
CA PHE A 156 1.02 -15.16 18.96
C PHE A 156 1.82 -15.14 17.65
N ALA A 157 1.29 -15.72 16.57
CA ALA A 157 2.01 -15.79 15.28
C ALA A 157 2.14 -14.36 14.71
N ALA A 158 1.09 -13.53 14.86
CA ALA A 158 1.08 -12.16 14.31
C ALA A 158 2.14 -11.35 15.08
N THR A 159 2.34 -11.68 16.34
CA THR A 159 3.37 -11.05 17.20
C THR A 159 4.75 -11.53 16.74
N LEU A 160 4.94 -12.86 16.58
CA LEU A 160 6.26 -13.42 16.19
C LEU A 160 6.70 -12.87 14.83
N ARG A 161 5.75 -12.62 13.93
CA ARG A 161 6.07 -12.22 12.53
C ARG A 161 5.85 -10.72 12.33
N ALA A 162 5.38 -10.00 13.35
CA ALA A 162 5.04 -8.57 13.29
C ALA A 162 4.13 -8.36 12.09
N GLU A 163 3.09 -9.19 12.00
CA GLU A 163 2.10 -9.20 10.89
C GLU A 163 1.31 -7.88 10.92
N GLU A 164 1.17 -7.28 9.74
CA GLU A 164 0.31 -6.09 9.60
C GLU A 164 -1.05 -6.53 9.04
N PHE A 165 -2.13 -6.01 9.58
CA PHE A 165 -3.51 -6.26 9.11
C PHE A 165 -4.10 -4.94 8.57
N ASP A 166 -4.58 -4.92 7.33
CA ASP A 166 -5.45 -3.80 6.86
C ASP A 166 -6.89 -4.07 7.35
N ALA A 167 -7.87 -3.24 6.96
CA ALA A 167 -9.28 -3.30 7.46
C ALA A 167 -9.86 -4.71 7.19
N GLY A 168 -9.74 -5.17 5.93
CA GLY A 168 -10.30 -6.48 5.51
C GLY A 168 -9.67 -7.64 6.30
N ALA A 169 -8.34 -7.63 6.44
CA ALA A 169 -7.62 -8.75 7.11
C ALA A 169 -7.99 -8.70 8.61
N ALA A 170 -7.99 -7.50 9.19
CA ALA A 170 -8.38 -7.29 10.61
C ALA A 170 -9.78 -7.89 10.81
N HIS A 171 -10.72 -7.57 9.93
CA HIS A 171 -12.11 -8.09 10.00
C HIS A 171 -12.12 -9.62 9.89
N ARG A 172 -11.32 -10.18 8.97
CA ARG A 172 -11.32 -11.64 8.74
C ARG A 172 -10.83 -12.38 9.99
N VAL A 173 -9.90 -11.81 10.74
CA VAL A 173 -9.33 -12.57 11.89
C VAL A 173 -10.07 -12.23 13.19
N GLY A 174 -11.01 -11.29 13.18
CA GLY A 174 -11.79 -10.96 14.41
C GLY A 174 -11.30 -9.70 15.11
N LEU A 175 -10.20 -9.08 14.67
CA LEU A 175 -9.61 -7.93 15.39
C LEU A 175 -10.51 -6.70 15.20
N ALA A 176 -11.12 -6.57 14.01
CA ALA A 176 -12.19 -5.62 13.67
C ALA A 176 -13.51 -6.40 13.62
N ASP A 177 -14.58 -5.88 14.18
CA ASP A 177 -15.94 -6.47 14.05
C ASP A 177 -16.62 -5.99 12.77
N LEU A 178 -16.33 -4.78 12.34
CA LEU A 178 -16.94 -4.21 11.10
C LEU A 178 -15.86 -3.48 10.31
N ALA A 179 -15.94 -3.55 8.99
CA ALA A 179 -14.99 -2.91 8.08
C ALA A 179 -15.79 -2.18 7.00
N GLY A 180 -15.25 -1.07 6.52
CA GLY A 180 -15.86 -0.28 5.43
C GLY A 180 -14.89 0.77 4.92
N PRO A 181 -15.32 1.62 3.94
CA PRO A 181 -14.48 2.70 3.44
C PRO A 181 -14.02 3.62 4.58
N ARG A 182 -14.84 3.87 5.60
CA ARG A 182 -14.46 4.81 6.69
C ARG A 182 -15.09 4.34 7.99
N ALA A 183 -14.27 4.21 9.02
CA ALA A 183 -14.73 3.66 10.31
C ALA A 183 -15.80 4.60 10.88
N GLU A 184 -15.65 5.90 10.66
CA GLU A 184 -16.55 6.91 11.25
C GLU A 184 -17.95 6.68 10.67
N ASP A 185 -18.06 6.23 9.41
CA ASP A 185 -19.37 6.06 8.73
C ASP A 185 -19.99 4.70 9.16
N LEU A 186 -19.26 3.84 9.85
CA LEU A 186 -19.86 2.58 10.39
C LEU A 186 -20.44 2.88 11.77
N LEU A 187 -20.03 4.00 12.38
CA LEU A 187 -20.47 4.33 13.75
C LEU A 187 -21.98 4.62 13.84
N PRO A 188 -22.66 5.49 13.03
CA PRO A 188 -24.10 5.76 13.26
C PRO A 188 -24.93 4.47 13.39
N PRO A 189 -24.81 3.46 12.48
CA PRO A 189 -25.56 2.21 12.62
C PRO A 189 -25.27 1.37 13.88
N VAL A 190 -24.04 1.40 14.38
CA VAL A 190 -23.67 0.75 15.64
C VAL A 190 -24.38 1.48 16.80
N LEU A 191 -24.33 2.80 16.82
CA LEU A 191 -25.02 3.61 17.86
C LEU A 191 -26.55 3.36 17.81
N ALA A 192 -27.16 3.36 16.65
CA ALA A 192 -28.63 3.16 16.52
C ALA A 192 -28.97 1.76 17.03
N GLY A 193 -28.20 0.74 16.66
CA GLY A 193 -28.38 -0.64 17.19
C GLY A 193 -28.24 -0.69 18.70
N LEU A 194 -27.19 -0.07 19.25
CA LEU A 194 -27.00 -0.05 20.74
C LEU A 194 -28.20 0.67 21.45
N GLY A 195 -28.87 1.61 20.79
CA GLY A 195 -30.02 2.30 21.38
C GLY A 195 -31.22 1.40 21.62
N ARG A 196 -31.24 0.18 21.06
CA ARG A 196 -32.28 -0.85 21.29
C ARG A 196 -32.05 -1.54 22.64
N THR A 197 -30.85 -1.50 23.23
CA THR A 197 -30.62 -2.07 24.58
C THR A 197 -30.29 -0.94 25.56
N ASP A 198 -29.89 -1.25 26.79
CA ASP A 198 -29.64 -0.19 27.78
C ASP A 198 -28.30 -0.47 28.51
N ARG A 199 -27.85 0.44 29.35
CA ARG A 199 -26.56 0.30 30.07
C ARG A 199 -26.61 -0.90 31.04
N SER A 200 -27.72 -1.07 31.74
CA SER A 200 -27.91 -2.19 32.68
C SER A 200 -27.63 -3.55 31.99
N THR A 201 -28.14 -3.77 30.78
CA THR A 201 -27.99 -5.03 30.01
C THR A 201 -26.54 -5.14 29.54
N THR A 202 -26.03 -4.02 28.99
CA THR A 202 -24.65 -3.92 28.45
C THR A 202 -23.69 -4.25 29.60
N ALA A 203 -23.87 -3.62 30.76
CA ALA A 203 -23.06 -3.92 31.97
C ALA A 203 -23.13 -5.43 32.31
N ALA A 204 -24.32 -6.01 32.40
CA ALA A 204 -24.47 -7.43 32.82
C ALA A 204 -23.80 -8.31 31.76
N LEU A 205 -23.86 -7.92 30.50
CA LEU A 205 -23.25 -8.74 29.41
C LEU A 205 -21.72 -8.71 29.54
N LYS A 206 -21.10 -7.57 29.84
CA LYS A 206 -19.61 -7.45 29.90
C LYS A 206 -19.10 -8.22 31.13
N GLU A 207 -19.82 -8.09 32.22
CA GLU A 207 -19.54 -8.79 33.49
C GLU A 207 -19.56 -10.30 33.25
N TYR A 208 -20.56 -10.78 32.54
CA TYR A 208 -20.70 -12.22 32.23
C TYR A 208 -19.56 -12.66 31.29
N ARG A 209 -19.06 -11.82 30.38
CA ARG A 209 -17.87 -12.17 29.56
C ARG A 209 -16.65 -12.44 30.48
N ALA A 210 -16.41 -11.58 31.47
CA ALA A 210 -15.35 -11.76 32.48
C ALA A 210 -15.57 -13.05 33.30
N ARG A 211 -16.81 -13.40 33.58
CA ARG A 211 -17.23 -14.62 34.29
C ARG A 211 -16.93 -15.86 33.45
N LEU A 212 -17.19 -15.83 32.15
CA LEU A 212 -17.09 -17.03 31.30
C LEU A 212 -15.66 -17.13 30.74
N PHE A 213 -15.01 -15.99 30.47
CA PHE A 213 -13.64 -15.92 29.92
C PHE A 213 -12.77 -15.03 30.79
N PRO A 214 -12.40 -15.47 32.00
CA PRO A 214 -11.66 -14.62 32.92
C PRO A 214 -10.17 -14.46 32.58
N ARG A 215 -9.61 -13.32 32.95
CA ARG A 215 -8.15 -13.09 33.10
C ARG A 215 -7.84 -13.29 34.59
N ASP A 216 -6.81 -14.06 34.95
CA ASP A 216 -6.49 -14.29 36.40
C ASP A 216 -6.00 -12.97 37.00
N ALA A 217 -6.15 -12.83 38.32
CA ALA A 217 -5.88 -11.57 39.05
C ALA A 217 -4.39 -11.19 38.98
N ARG A 218 -3.48 -12.09 38.56
CA ARG A 218 -2.01 -11.81 38.59
C ARG A 218 -1.56 -11.36 37.20
N LEU A 219 -2.43 -11.46 36.20
CA LEU A 219 -2.05 -11.38 34.77
C LEU A 219 -1.57 -9.95 34.46
N GLY A 220 -2.27 -8.96 34.99
CA GLY A 220 -1.95 -7.54 34.71
C GLY A 220 -0.59 -7.16 35.29
N HIS A 221 -0.28 -7.67 36.47
CA HIS A 221 1.05 -7.49 37.11
C HIS A 221 2.13 -8.20 36.26
N ASP A 222 1.96 -9.50 35.99
CA ASP A 222 2.98 -10.34 35.31
C ASP A 222 3.25 -9.75 33.92
N ALA A 223 2.20 -9.33 33.21
CA ALA A 223 2.33 -8.75 31.87
C ALA A 223 3.07 -7.40 31.98
N SER A 224 2.76 -6.60 33.00
CA SER A 224 3.42 -5.29 33.25
C SER A 224 4.90 -5.53 33.50
N ARG A 225 5.21 -6.53 34.33
CA ARG A 225 6.60 -6.90 34.71
C ARG A 225 7.36 -7.31 33.45
N LEU A 226 6.77 -8.14 32.59
CA LEU A 226 7.48 -8.71 31.41
C LEU A 226 7.86 -7.57 30.46
N LEU A 227 6.96 -6.62 30.23
CA LEU A 227 7.25 -5.46 29.34
C LEU A 227 8.38 -4.60 29.93
N ILE A 228 8.31 -4.26 31.23
CA ILE A 228 9.34 -3.45 31.94
C ILE A 228 10.68 -4.19 31.88
N GLU A 229 10.71 -5.50 32.14
CA GLU A 229 11.99 -6.27 32.14
C GLU A 229 12.64 -6.15 30.75
N ARG A 230 11.88 -6.35 29.67
CA ARG A 230 12.47 -6.39 28.34
C ARG A 230 12.90 -4.97 27.92
N PHE A 231 12.17 -3.93 28.27
CA PHE A 231 12.52 -2.54 27.89
C PHE A 231 13.82 -2.18 28.61
N ALA A 232 13.97 -2.65 29.84
CA ALA A 232 15.15 -2.37 30.70
C ALA A 232 16.40 -3.00 30.07
N GLY A 235 20.28 -3.99 25.10
CA GLY A 235 20.26 -3.80 23.63
C GLY A 235 18.98 -3.15 23.08
N THR A 236 17.95 -3.03 23.91
CA THR A 236 16.63 -2.40 23.60
C THR A 236 16.84 -1.02 22.97
N GLY A 237 17.76 -0.20 23.50
CA GLY A 237 18.10 1.11 22.92
C GLY A 237 18.50 1.02 21.44
N GLN A 238 19.31 0.02 21.10
CA GLN A 238 19.77 -0.24 19.70
C GLN A 238 18.53 -0.55 18.84
N LEU A 239 17.76 -1.59 19.22
CA LEU A 239 16.59 -2.12 18.44
C LEU A 239 15.54 -1.00 18.25
N LEU A 240 15.34 -0.10 19.21
CA LEU A 240 14.39 1.06 19.06
C LEU A 240 14.93 2.09 18.05
N ALA A 241 16.23 2.37 18.09
CA ALA A 241 16.91 3.22 17.07
C ALA A 241 16.66 2.57 15.68
N ARG A 242 16.82 1.25 15.57
CA ARG A 242 16.61 0.53 14.28
C ARG A 242 15.19 0.75 13.75
N LEU A 243 14.22 0.48 14.62
CA LEU A 243 12.76 0.69 14.42
C LEU A 243 12.46 2.14 13.98
N ARG A 244 12.98 3.17 14.67
CA ARG A 244 12.79 4.60 14.25
C ARG A 244 13.41 4.85 12.86
N GLU A 245 14.63 4.36 12.61
CA GLU A 245 15.34 4.53 11.30
C GLU A 245 14.50 3.90 10.21
N ALA A 246 13.92 2.71 10.43
CA ALA A 246 13.00 2.13 9.44
C ALA A 246 11.69 2.95 9.36
N GLY A 247 11.33 3.71 10.40
CA GLY A 247 10.11 4.56 10.41
C GLY A 247 10.31 5.93 9.75
N ASP B 9 34.10 0.68 -11.73
CA ASP B 9 33.49 -0.65 -11.96
C ASP B 9 32.72 -1.07 -10.71
N PRO B 10 31.39 -1.22 -10.77
CA PRO B 10 30.60 -1.68 -9.61
C PRO B 10 30.65 -3.19 -9.24
N ALA B 11 31.26 -4.07 -10.06
CA ALA B 11 31.18 -5.57 -9.92
C ALA B 11 31.71 -6.07 -8.58
N PRO B 12 32.88 -5.61 -8.08
CA PRO B 12 33.31 -6.01 -6.72
C PRO B 12 32.30 -5.66 -5.61
N VAL B 13 31.65 -4.50 -5.70
CA VAL B 13 30.68 -4.05 -4.66
C VAL B 13 29.41 -4.92 -4.74
N ALA B 14 28.86 -5.09 -5.94
CA ALA B 14 27.68 -5.92 -6.24
C ALA B 14 27.90 -7.32 -5.64
N ARG B 15 29.11 -7.87 -5.80
CA ARG B 15 29.44 -9.19 -5.20
C ARG B 15 29.33 -9.11 -3.66
N ALA B 16 30.04 -8.17 -3.03
CA ALA B 16 30.04 -8.09 -1.56
C ALA B 16 28.58 -7.90 -1.11
N LEU B 17 27.78 -7.11 -1.84
CA LEU B 17 26.40 -6.80 -1.41
C LEU B 17 25.50 -8.04 -1.66
N ARG B 18 25.70 -8.73 -2.78
CA ARG B 18 24.93 -9.93 -3.15
C ARG B 18 25.12 -10.98 -2.04
N GLU B 19 26.35 -11.16 -1.54
CA GLU B 19 26.58 -12.21 -0.52
C GLU B 19 25.86 -11.82 0.78
N GLU B 20 25.89 -10.56 1.21
CA GLU B 20 25.20 -10.14 2.45
C GLU B 20 23.67 -10.33 2.28
N LEU B 21 23.13 -9.97 1.09
CA LEU B 21 21.68 -10.03 0.82
C LEU B 21 21.19 -11.48 0.89
N ALA B 22 21.87 -12.40 0.21
CA ALA B 22 21.64 -13.86 0.26
C ALA B 22 21.62 -14.37 1.72
N ARG B 23 22.63 -14.03 2.54
CA ARG B 23 22.64 -14.43 3.98
C ARG B 23 21.39 -13.88 4.69
N THR B 24 21.06 -12.60 4.49
CA THR B 24 19.92 -11.87 5.09
C THR B 24 18.59 -12.55 4.66
N LEU B 25 18.48 -12.92 3.37
CA LEU B 25 17.22 -13.49 2.74
C LEU B 25 17.22 -15.03 2.76
N TYR B 26 18.25 -15.68 3.31
CA TYR B 26 18.30 -17.18 3.44
C TYR B 26 18.17 -17.78 2.04
N CYS B 27 18.92 -17.22 1.08
CA CYS B 27 19.11 -17.82 -0.26
C CYS B 27 20.62 -17.88 -0.59
N GLU B 28 20.96 -18.40 -1.78
CA GLU B 28 22.32 -18.44 -2.34
C GLU B 28 22.51 -17.15 -3.13
N PRO B 29 23.74 -16.63 -3.20
CA PRO B 29 24.02 -15.43 -3.98
C PRO B 29 23.52 -15.58 -5.44
N GLY B 30 23.80 -16.74 -6.05
CA GLY B 30 23.34 -17.16 -7.40
C GLY B 30 21.82 -17.01 -7.63
N ASP B 31 20.97 -16.99 -6.60
CA ASP B 31 19.47 -16.92 -6.81
C ASP B 31 19.02 -15.46 -6.98
N ILE B 32 19.92 -14.47 -6.80
CA ILE B 32 19.45 -13.06 -6.67
C ILE B 32 19.54 -12.40 -8.04
N ASP B 33 18.42 -11.88 -8.54
CA ASP B 33 18.36 -11.02 -9.74
C ASP B 33 18.78 -9.60 -9.30
N ASP B 34 20.00 -9.16 -9.67
CA ASP B 34 20.57 -7.83 -9.30
C ASP B 34 19.64 -6.67 -9.66
N GLU B 35 18.83 -6.85 -10.68
CA GLU B 35 17.91 -5.77 -11.10
C GLU B 35 16.51 -5.96 -10.46
N ALA B 36 16.21 -7.03 -9.70
CA ALA B 36 14.94 -7.13 -8.96
C ALA B 36 14.82 -6.02 -7.86
N SER B 37 13.65 -5.42 -7.65
CA SER B 37 13.43 -4.47 -6.52
C SER B 37 13.67 -5.20 -5.19
N PHE B 38 14.12 -4.48 -4.18
CA PHE B 38 14.23 -5.01 -2.80
C PHE B 38 12.84 -5.50 -2.34
N ASN B 39 11.77 -4.78 -2.64
CA ASN B 39 10.36 -5.23 -2.39
C ASN B 39 10.17 -6.62 -3.02
N THR B 40 10.46 -6.79 -4.33
CA THR B 40 10.26 -8.12 -5.01
C THR B 40 11.08 -9.18 -4.24
N LEU B 41 12.31 -8.85 -3.77
CA LEU B 41 13.18 -9.85 -3.09
C LEU B 41 12.67 -10.14 -1.67
N GLY B 42 11.81 -9.31 -1.09
CA GLY B 42 11.32 -9.50 0.30
C GLY B 42 12.26 -8.93 1.36
N LEU B 43 13.00 -7.86 1.02
CA LEU B 43 13.78 -7.12 2.03
C LEU B 43 12.81 -6.11 2.66
N ASP B 44 12.42 -6.31 3.90
CA ASP B 44 11.48 -5.40 4.61
C ASP B 44 12.23 -4.14 5.09
N SER B 45 11.53 -3.23 5.79
CA SER B 45 12.22 -1.98 6.13
C SER B 45 13.21 -2.35 7.24
N ILE B 46 12.98 -3.42 8.01
CA ILE B 46 13.87 -3.73 9.17
C ILE B 46 15.19 -4.30 8.64
N LEU B 47 15.11 -5.30 7.77
CA LEU B 47 16.34 -5.91 7.19
C LEU B 47 16.99 -4.88 6.27
N GLY B 48 16.25 -3.87 5.82
CA GLY B 48 16.77 -2.81 4.95
C GLY B 48 17.74 -1.98 5.75
N VAL B 49 17.33 -1.61 6.98
CA VAL B 49 18.22 -0.82 7.88
C VAL B 49 19.50 -1.63 8.17
N GLU B 50 19.38 -2.91 8.54
CA GLU B 50 20.57 -3.78 8.76
C GLU B 50 21.45 -3.83 7.50
N PHE B 51 20.86 -4.02 6.33
CA PHE B 51 21.63 -4.05 5.05
C PHE B 51 22.36 -2.70 4.80
N VAL B 52 21.68 -1.56 5.01
CA VAL B 52 22.39 -0.28 4.80
C VAL B 52 23.48 -0.22 5.89
N ALA B 53 23.27 -0.73 7.12
CA ALA B 53 24.33 -0.57 8.15
C ALA B 53 25.50 -1.51 7.76
N PHE B 54 25.23 -2.57 7.02
CA PHE B 54 26.31 -3.42 6.46
C PHE B 54 27.13 -2.62 5.43
N VAL B 55 26.47 -1.92 4.54
CA VAL B 55 27.12 -1.08 3.48
C VAL B 55 28.00 -0.01 4.15
N ASN B 56 27.49 0.66 5.18
CA ASN B 56 28.19 1.75 5.93
C ASN B 56 29.44 1.21 6.62
N GLN B 57 29.30 0.13 7.38
CA GLN B 57 30.44 -0.46 8.12
C GLN B 57 31.48 -0.99 7.12
N THR B 58 31.03 -1.63 6.04
CA THR B 58 31.99 -2.25 5.06
C THR B 58 32.76 -1.19 4.26
N TYR B 59 32.15 -0.08 3.86
CA TYR B 59 32.79 0.90 2.94
C TYR B 59 33.14 2.21 3.67
N GLY B 60 33.01 2.30 4.99
CA GLY B 60 33.27 3.56 5.74
C GLY B 60 32.24 4.63 5.36
N LEU B 61 31.02 4.25 5.02
CA LEU B 61 29.98 5.25 4.67
C LEU B 61 28.94 5.39 5.83
N ASP B 62 28.09 6.40 5.67
CA ASP B 62 26.89 6.63 6.53
C ASP B 62 25.73 7.13 5.63
N GLU B 63 25.25 6.17 4.84
CA GLU B 63 24.08 6.45 3.98
C GLU B 63 22.83 6.19 4.81
N LYS B 64 21.85 7.06 4.70
CA LYS B 64 20.50 6.93 5.35
C LYS B 64 19.84 5.59 4.87
N ALA B 65 19.07 4.95 5.76
CA ALA B 65 18.20 3.80 5.41
C ALA B 65 17.43 4.11 4.12
N GLY B 66 16.99 5.37 3.97
CA GLY B 66 16.29 5.91 2.79
C GLY B 66 16.95 5.59 1.47
N ILE B 67 18.27 5.28 1.44
CA ILE B 67 19.04 5.07 0.17
C ILE B 67 18.44 3.91 -0.63
N LEU B 68 17.84 2.91 0.02
CA LEU B 68 17.29 1.73 -0.69
C LEU B 68 16.02 2.12 -1.47
N TYR B 69 15.35 3.21 -1.08
CA TYR B 69 14.19 3.80 -1.83
C TYR B 69 14.73 4.54 -3.05
N ASP B 70 15.86 5.23 -2.91
CA ASP B 70 16.49 6.01 -4.00
C ASP B 70 17.07 5.08 -5.07
N HIS B 71 17.67 3.98 -4.65
CA HIS B 71 18.35 3.00 -5.54
C HIS B 71 17.85 1.61 -5.17
N PRO B 72 16.63 1.22 -5.62
CA PRO B 72 15.90 0.08 -5.05
C PRO B 72 16.17 -1.31 -5.67
N SER B 73 17.38 -1.56 -6.14
CA SER B 73 17.89 -2.88 -6.56
C SER B 73 19.36 -2.97 -6.16
N LEU B 74 19.89 -4.18 -6.20
CA LEU B 74 21.31 -4.50 -5.95
C LEU B 74 22.15 -3.75 -6.97
N ALA B 75 21.81 -3.80 -8.25
CA ALA B 75 22.62 -3.13 -9.29
C ALA B 75 22.67 -1.62 -9.01
N ALA B 76 21.52 -0.98 -8.82
CA ALA B 76 21.46 0.48 -8.60
C ALA B 76 22.20 0.81 -7.30
N LEU B 77 22.06 -0.01 -6.25
CA LEU B 77 22.74 0.27 -4.97
C LEU B 77 24.26 0.15 -5.19
N SER B 78 24.72 -0.86 -5.94
CA SER B 78 26.14 -1.12 -6.24
C SER B 78 26.76 0.07 -6.97
N ARG B 79 26.10 0.63 -8.00
CA ARG B 79 26.62 1.84 -8.69
C ARG B 79 26.74 2.99 -7.71
N HIS B 80 25.71 3.23 -6.89
CA HIS B 80 25.76 4.28 -5.86
C HIS B 80 27.00 4.09 -4.97
N VAL B 81 27.16 2.92 -4.35
CA VAL B 81 28.26 2.61 -3.38
C VAL B 81 29.60 2.65 -4.12
N ALA B 82 29.69 2.03 -5.30
CA ALA B 82 30.90 2.06 -6.16
C ALA B 82 31.36 3.53 -6.34
N GLY B 83 30.56 4.38 -6.99
CA GLY B 83 30.91 5.78 -7.29
C GLY B 83 31.16 6.61 -6.05
N ARG B 84 30.74 6.12 -4.88
CA ARG B 84 30.86 6.81 -3.57
C ARG B 84 32.15 6.40 -2.82
N ALA B 85 32.44 5.09 -2.79
CA ALA B 85 33.53 4.44 -2.00
C ALA B 85 34.87 4.64 -2.71
N ALA B 86 35.99 4.39 -2.02
CA ALA B 86 37.37 4.56 -2.56
C ALA B 86 38.38 4.48 -1.40
N GLY C 3 20.12 -0.32 -24.98
CA GLY C 3 19.70 0.34 -23.72
C GLY C 3 18.46 -0.33 -23.11
N SER C 4 17.38 -0.47 -23.86
CA SER C 4 16.02 -0.56 -23.26
C SER C 4 15.61 -2.02 -23.09
N VAL C 5 16.13 -2.96 -23.91
CA VAL C 5 15.81 -4.40 -23.81
C VAL C 5 17.09 -5.21 -23.74
N ARG C 6 17.14 -6.21 -22.85
CA ARG C 6 18.25 -7.19 -22.76
C ARG C 6 17.65 -8.57 -23.01
N VAL C 7 18.22 -9.30 -23.97
CA VAL C 7 17.74 -10.62 -24.44
C VAL C 7 18.53 -11.68 -23.68
N VAL C 8 17.86 -12.71 -23.18
CA VAL C 8 18.49 -13.92 -22.62
C VAL C 8 17.81 -15.16 -23.24
N ARG C 9 18.60 -16.02 -23.88
CA ARG C 9 18.08 -17.32 -24.38
C ARG C 9 18.06 -18.34 -23.25
N GLY C 10 17.13 -19.28 -23.31
CA GLY C 10 17.08 -20.47 -22.42
C GLY C 10 16.67 -21.69 -23.23
N ARG C 11 16.30 -22.78 -22.56
CA ARG C 11 15.89 -24.07 -23.22
C ARG C 11 14.51 -23.86 -23.87
N GLY C 12 14.45 -23.88 -25.20
CA GLY C 12 13.25 -23.62 -26.00
C GLY C 12 12.60 -22.27 -25.71
N LEU C 13 13.34 -21.26 -25.26
CA LEU C 13 12.72 -19.95 -25.00
C LEU C 13 13.68 -18.80 -25.29
N LEU C 14 13.08 -17.63 -25.58
CA LEU C 14 13.86 -16.38 -25.58
C LEU C 14 13.23 -15.42 -24.60
N ARG C 15 14.02 -14.76 -23.76
CA ARG C 15 13.52 -13.76 -22.80
C ARG C 15 13.92 -12.33 -23.19
N ALA C 16 12.95 -11.42 -23.28
CA ALA C 16 13.19 -9.97 -23.52
C ALA C 16 12.97 -9.26 -22.18
N VAL C 17 14.06 -8.71 -21.65
CA VAL C 17 14.02 -8.00 -20.35
C VAL C 17 14.01 -6.48 -20.57
N LEU C 18 12.95 -5.84 -20.09
CA LEU C 18 12.92 -4.35 -20.03
C LEU C 18 13.96 -3.94 -18.99
N ASP C 19 14.95 -3.17 -19.42
CA ASP C 19 16.23 -3.02 -18.70
C ASP C 19 16.55 -1.54 -18.53
N ARG C 20 15.56 -0.72 -18.20
CA ARG C 20 15.81 0.74 -17.95
C ARG C 20 15.04 1.10 -16.67
N PRO C 21 15.37 0.45 -15.53
CA PRO C 21 14.55 0.63 -14.33
C PRO C 21 14.56 2.07 -13.80
N GLU C 22 15.70 2.75 -13.89
CA GLU C 22 15.85 4.12 -13.33
C GLU C 22 14.97 5.11 -14.11
N ARG C 23 14.55 4.77 -15.32
CA ARG C 23 13.59 5.56 -16.11
C ARG C 23 12.20 4.94 -16.00
N ARG C 24 12.03 3.91 -15.17
CA ARG C 24 10.72 3.19 -14.97
C ARG C 24 10.28 2.49 -16.25
N ASN C 25 11.21 2.10 -17.14
CA ASN C 25 10.88 1.17 -18.25
C ASN C 25 9.75 1.77 -19.07
N PRO C 26 9.96 3.00 -19.62
CA PRO C 26 8.99 3.65 -20.47
C PRO C 26 8.89 3.03 -21.85
N ILE C 27 7.75 3.22 -22.50
CA ILE C 27 7.55 2.89 -23.93
C ILE C 27 8.04 4.06 -24.78
N ASP C 28 8.94 3.79 -25.73
CA ASP C 28 9.35 4.71 -26.80
C ASP C 28 9.61 3.84 -28.03
N ALA C 29 9.92 4.47 -29.16
CA ALA C 29 10.30 3.82 -30.42
C ALA C 29 11.44 2.80 -30.17
N GLY C 30 12.41 3.11 -29.31
CA GLY C 30 13.54 2.20 -29.04
C GLY C 30 13.07 0.88 -28.44
N LEU C 31 12.20 0.93 -27.43
CA LEU C 31 11.70 -0.26 -26.71
C LEU C 31 10.89 -1.13 -27.69
N LEU C 32 9.98 -0.49 -28.41
CA LEU C 32 9.01 -1.18 -29.30
C LEU C 32 9.80 -1.90 -30.40
N THR C 33 10.76 -1.20 -30.99
CA THR C 33 11.65 -1.77 -32.03
C THR C 33 12.54 -2.96 -31.43
N SER C 34 13.10 -2.76 -30.23
CA SER C 34 13.97 -3.79 -29.59
C SER C 34 13.11 -5.01 -29.25
N LEU C 35 11.87 -4.81 -28.77
CA LEU C 35 10.97 -5.96 -28.50
C LEU C 35 10.55 -6.65 -29.82
N ALA C 36 10.21 -5.88 -30.87
CA ALA C 36 9.87 -6.50 -32.20
C ALA C 36 11.06 -7.34 -32.71
N ARG C 37 12.29 -6.85 -32.49
CA ARG C 37 13.52 -7.53 -32.98
C ARG C 37 13.81 -8.78 -32.08
N ALA C 38 13.57 -8.71 -30.77
CA ALA C 38 13.65 -9.90 -29.90
C ALA C 38 12.63 -10.96 -30.41
N LEU C 39 11.39 -10.57 -30.68
CA LEU C 39 10.36 -11.54 -31.11
C LEU C 39 10.76 -12.12 -32.46
N ASP C 40 11.36 -11.34 -33.36
CA ASP C 40 11.89 -11.85 -34.66
C ASP C 40 12.95 -12.94 -34.43
N GLN C 41 13.90 -12.69 -33.55
CA GLN C 41 14.99 -13.64 -33.25
C GLN C 41 14.36 -14.94 -32.69
N ALA C 42 13.45 -14.81 -31.72
CA ALA C 42 12.79 -15.97 -31.07
C ALA C 42 12.06 -16.79 -32.17
N GLU C 43 11.31 -16.10 -33.04
CA GLU C 43 10.51 -16.77 -34.11
C GLU C 43 11.45 -17.44 -35.13
N SER C 44 12.58 -16.83 -35.48
CA SER C 44 13.54 -17.42 -36.46
C SER C 44 14.17 -18.69 -35.91
N ASP C 45 14.29 -18.84 -34.59
CA ASP C 45 14.86 -20.11 -34.06
C ASP C 45 13.77 -21.18 -34.06
N GLN C 46 13.78 -22.13 -34.98
CA GLN C 46 12.69 -23.14 -35.11
C GLN C 46 12.58 -24.05 -33.88
N ASP C 47 13.57 -24.03 -32.98
CA ASP C 47 13.50 -24.84 -31.73
C ASP C 47 12.95 -23.96 -30.59
N CYS C 48 12.82 -22.65 -30.82
CA CYS C 48 12.17 -21.76 -29.80
C CYS C 48 10.67 -22.06 -29.75
N ARG C 49 10.10 -22.06 -28.55
CA ARG C 49 8.65 -22.28 -28.37
C ARG C 49 8.03 -21.19 -27.50
N VAL C 50 8.82 -20.49 -26.68
CA VAL C 50 8.25 -19.52 -25.69
C VAL C 50 9.02 -18.20 -25.79
N PHE C 51 8.27 -17.09 -25.73
CA PHE C 51 8.80 -15.71 -25.64
C PHE C 51 8.38 -15.22 -24.25
N VAL C 52 9.37 -14.90 -23.41
CA VAL C 52 9.13 -14.42 -22.05
C VAL C 52 9.44 -12.91 -22.04
N LEU C 53 8.49 -12.10 -21.57
CA LEU C 53 8.65 -10.64 -21.37
C LEU C 53 8.75 -10.39 -19.88
N SER C 54 9.88 -9.93 -19.40
CA SER C 54 10.01 -9.60 -17.96
C SER C 54 10.71 -8.24 -17.88
N SER C 55 10.87 -7.74 -16.64
CA SER C 55 11.36 -6.36 -16.43
C SER C 55 12.30 -6.29 -15.24
N THR C 56 12.54 -5.06 -14.80
CA THR C 56 13.54 -4.68 -13.78
C THR C 56 12.96 -3.62 -12.83
N GLY C 57 13.45 -3.64 -11.61
CA GLY C 57 13.09 -2.67 -10.56
C GLY C 57 11.60 -2.71 -10.23
N GLU C 58 11.04 -1.54 -10.00
CA GLU C 58 9.71 -1.34 -9.38
C GLU C 58 8.65 -1.13 -10.44
N ASP C 59 9.07 -0.86 -11.69
CA ASP C 59 8.12 -0.56 -12.81
C ASP C 59 8.28 -1.70 -13.84
N PHE C 60 7.26 -2.53 -14.00
CA PHE C 60 7.20 -3.46 -15.15
C PHE C 60 7.37 -2.57 -16.38
N CYS C 61 6.43 -1.62 -16.57
CA CYS C 61 6.43 -0.67 -17.71
C CYS C 61 5.50 0.52 -17.40
N ALA C 62 6.04 1.73 -17.42
CA ALA C 62 5.36 2.99 -17.05
C ALA C 62 4.53 3.51 -18.24
N GLY C 63 4.56 2.90 -19.42
CA GLY C 63 3.87 3.50 -20.58
C GLY C 63 4.66 4.67 -21.19
N THR C 64 4.04 5.41 -22.10
CA THR C 64 4.69 6.38 -22.99
C THR C 64 5.55 7.33 -22.16
N ASP C 65 6.83 7.42 -22.52
CA ASP C 65 7.81 8.33 -21.86
C ASP C 65 7.24 9.75 -21.96
N LEU C 66 6.97 10.36 -20.81
CA LEU C 66 6.47 11.76 -20.74
C LEU C 66 7.63 12.71 -20.40
N SER C 67 8.82 12.18 -20.14
CA SER C 67 10.03 12.97 -19.79
C SER C 67 10.60 13.60 -21.06
N LEU C 76 0.41 9.51 -39.50
CA LEU C 76 -0.22 8.16 -39.57
C LEU C 76 -0.86 7.94 -40.93
N PRO C 77 -0.10 7.45 -41.94
CA PRO C 77 -0.69 7.14 -43.25
C PRO C 77 -1.97 6.34 -43.10
N ASP C 78 -2.83 6.38 -44.13
N ASP C 78 -2.86 6.38 -44.10
CA ASP C 78 -4.08 5.57 -44.21
CA ASP C 78 -4.14 5.64 -44.09
C ASP C 78 -3.74 4.09 -44.03
C ASP C 78 -3.82 4.14 -44.06
N GLY C 79 -4.53 3.40 -43.22
CA GLY C 79 -4.41 1.94 -43.05
C GLY C 79 -3.23 1.53 -42.17
N ALA C 80 -2.32 2.47 -41.84
CA ALA C 80 -1.12 2.21 -41.01
C ALA C 80 -1.57 2.17 -39.56
N GLU C 81 -0.79 1.45 -38.76
CA GLU C 81 -0.91 1.26 -37.31
C GLU C 81 0.38 1.76 -36.64
N LEU C 82 0.26 2.35 -35.46
CA LEU C 82 1.43 2.64 -34.61
C LEU C 82 2.14 1.34 -34.22
N PRO C 83 3.47 1.38 -34.11
CA PRO C 83 4.25 0.18 -33.73
C PRO C 83 3.78 -0.50 -32.44
N TYR C 84 3.21 0.23 -31.48
CA TYR C 84 2.67 -0.39 -30.23
C TYR C 84 1.55 -1.39 -30.60
N TRP C 85 0.59 -0.96 -31.41
CA TRP C 85 -0.49 -1.84 -31.90
C TRP C 85 0.13 -3.08 -32.56
N THR C 86 0.99 -2.87 -33.53
CA THR C 86 1.66 -3.95 -34.29
C THR C 86 2.33 -4.97 -33.36
N LEU C 87 2.99 -4.52 -32.31
CA LEU C 87 3.67 -5.41 -31.36
C LEU C 87 2.65 -6.20 -30.52
N LEU C 88 1.62 -5.52 -29.97
CA LEU C 88 0.58 -6.18 -29.13
C LEU C 88 -0.08 -7.29 -30.00
N GLU C 89 -0.44 -6.97 -31.25
CA GLU C 89 -1.05 -7.99 -32.13
C GLU C 89 -0.08 -9.16 -32.32
N ARG C 90 1.23 -8.89 -32.44
CA ARG C 90 2.23 -9.98 -32.68
C ARG C 90 2.27 -10.92 -31.44
N LEU C 91 2.17 -10.35 -30.24
CA LEU C 91 2.21 -11.14 -28.99
C LEU C 91 0.97 -12.06 -28.89
N THR C 92 -0.12 -11.73 -29.57
CA THR C 92 -1.36 -12.55 -29.64
C THR C 92 -1.31 -13.52 -30.81
N ARG C 93 -0.55 -13.21 -31.87
CA ARG C 93 -0.56 -14.02 -33.13
C ARG C 93 0.70 -14.93 -33.29
N SER C 94 1.81 -14.64 -32.60
CA SER C 94 3.07 -15.43 -32.69
C SER C 94 2.80 -16.92 -32.55
N PRO C 95 3.57 -17.78 -33.26
CA PRO C 95 3.54 -19.21 -32.98
C PRO C 95 4.14 -19.56 -31.60
N LEU C 96 4.89 -18.63 -31.00
CA LEU C 96 5.47 -18.81 -29.63
C LEU C 96 4.38 -18.51 -28.60
N ALA C 97 4.37 -19.29 -27.54
CA ALA C 97 3.58 -18.94 -26.33
C ALA C 97 4.22 -17.67 -25.77
N THR C 98 3.44 -16.63 -25.49
CA THR C 98 4.00 -15.35 -24.94
C THR C 98 3.63 -15.24 -23.46
N VAL C 99 4.62 -15.02 -22.61
CA VAL C 99 4.44 -15.06 -21.14
C VAL C 99 4.99 -13.76 -20.53
N ALA C 100 4.13 -13.01 -19.82
CA ALA C 100 4.47 -11.72 -19.18
C ALA C 100 4.74 -12.02 -17.72
N VAL C 101 5.88 -11.55 -17.20
CA VAL C 101 6.28 -11.76 -15.79
C VAL C 101 6.24 -10.37 -15.13
N VAL C 102 5.24 -10.14 -14.27
CA VAL C 102 4.90 -8.80 -13.73
C VAL C 102 5.18 -8.78 -12.24
N ASP C 103 6.31 -8.13 -11.87
CA ASP C 103 6.79 -7.99 -10.48
C ASP C 103 6.94 -6.51 -10.09
N GLY C 104 6.20 -5.64 -10.75
CA GLY C 104 6.12 -4.19 -10.42
C GLY C 104 4.98 -3.51 -11.15
N ARG C 105 5.01 -2.19 -11.21
CA ARG C 105 3.86 -1.36 -11.66
C ARG C 105 3.80 -1.40 -13.19
N ALA C 106 2.66 -1.80 -13.73
CA ALA C 106 2.34 -1.75 -15.17
C ALA C 106 1.32 -0.63 -15.31
N THR C 107 1.70 0.43 -15.98
CA THR C 107 0.93 1.70 -15.96
C THR C 107 0.66 2.11 -17.40
N ALA C 108 -0.57 2.49 -17.69
CA ALA C 108 -0.97 2.98 -19.02
C ALA C 108 -0.60 1.92 -20.06
N GLY C 109 0.04 2.30 -21.17
CA GLY C 109 0.45 1.34 -22.21
C GLY C 109 1.18 0.11 -21.66
N GLY C 110 1.80 0.22 -20.49
CA GLY C 110 2.45 -0.95 -19.87
C GLY C 110 1.44 -2.06 -19.57
N VAL C 111 0.16 -1.71 -19.29
CA VAL C 111 -0.90 -2.73 -19.04
C VAL C 111 -1.19 -3.54 -20.32
N GLY C 112 -1.32 -2.86 -21.46
CA GLY C 112 -1.54 -3.52 -22.76
C GLY C 112 -0.43 -4.50 -23.17
N LEU C 113 0.82 -4.14 -22.88
CA LEU C 113 2.00 -4.97 -23.21
C LEU C 113 1.91 -6.29 -22.46
N ALA C 114 1.63 -6.25 -21.17
CA ALA C 114 1.37 -7.48 -20.41
C ALA C 114 0.14 -8.22 -20.96
N ALA C 115 -0.99 -7.53 -21.11
CA ALA C 115 -2.33 -8.10 -21.33
C ALA C 115 -2.32 -8.90 -22.64
N ALA C 116 -1.51 -8.46 -23.61
CA ALA C 116 -1.40 -9.02 -24.98
C ALA C 116 -0.67 -10.36 -24.97
N CYS C 117 0.14 -10.68 -23.95
CA CYS C 117 0.81 -12.01 -23.85
C CYS C 117 -0.24 -13.08 -23.54
N ASP C 118 0.00 -14.32 -23.94
CA ASP C 118 -0.92 -15.50 -23.75
C ASP C 118 -1.24 -15.72 -22.26
N LEU C 119 -0.22 -15.55 -21.43
CA LEU C 119 -0.26 -15.79 -19.97
C LEU C 119 0.41 -14.62 -19.24
N VAL C 120 -0.23 -14.12 -18.20
CA VAL C 120 0.28 -13.04 -17.34
C VAL C 120 0.51 -13.67 -15.97
N LEU C 121 1.77 -13.62 -15.49
CA LEU C 121 2.13 -14.02 -14.12
C LEU C 121 2.33 -12.74 -13.33
N ALA C 122 1.70 -12.67 -12.17
CA ALA C 122 1.68 -11.46 -11.32
C ALA C 122 2.23 -11.77 -9.94
N GLY C 123 3.27 -11.05 -9.52
CA GLY C 123 3.84 -11.14 -8.16
C GLY C 123 3.22 -10.13 -7.20
N GLU C 124 3.62 -10.21 -5.95
CA GLU C 124 3.16 -9.40 -4.80
C GLU C 124 3.26 -7.90 -5.16
N ARG C 125 4.28 -7.47 -5.93
CA ARG C 125 4.45 -6.02 -6.23
C ARG C 125 3.79 -5.64 -7.55
N ALA C 126 3.21 -6.59 -8.29
CA ALA C 126 2.44 -6.29 -9.52
C ALA C 126 1.30 -5.31 -9.22
N ARG C 127 1.21 -4.27 -10.05
CA ARG C 127 0.09 -3.32 -10.04
C ARG C 127 -0.28 -3.03 -11.49
N PHE C 128 -1.56 -2.95 -11.78
CA PHE C 128 -1.98 -2.52 -13.14
C PHE C 128 -2.94 -1.34 -13.04
N ARG C 129 -2.72 -0.36 -13.91
CA ARG C 129 -3.61 0.81 -13.88
C ARG C 129 -3.54 1.53 -15.20
N LEU C 130 -4.71 1.72 -15.81
CA LEU C 130 -4.83 2.60 -16.99
C LEU C 130 -5.10 4.01 -16.46
N THR C 131 -4.12 4.90 -16.61
CA THR C 131 -4.15 6.28 -16.14
C THR C 131 -4.65 7.19 -17.25
N GLU C 132 -4.91 6.65 -18.43
CA GLU C 132 -5.14 7.50 -19.62
C GLU C 132 -6.24 8.58 -19.38
N VAL C 133 -7.43 8.30 -18.81
CA VAL C 133 -8.53 9.33 -18.78
C VAL C 133 -8.13 10.53 -17.89
N LEU C 134 -7.22 10.31 -16.93
CA LEU C 134 -6.73 11.39 -16.05
C LEU C 134 -5.90 12.38 -16.87
N ALA C 135 -5.44 11.98 -18.06
CA ALA C 135 -4.67 12.82 -19.00
C ALA C 135 -5.52 13.27 -20.19
N GLY C 136 -6.84 13.01 -20.18
CA GLY C 136 -7.74 13.30 -21.32
C GLY C 136 -7.55 12.33 -22.48
N LEU C 137 -7.01 11.12 -22.25
CA LEU C 137 -6.81 10.15 -23.37
C LEU C 137 -7.73 8.93 -23.20
N VAL C 138 -8.02 8.26 -24.32
CA VAL C 138 -8.52 6.86 -24.39
C VAL C 138 -7.39 5.89 -24.68
N PRO C 139 -7.16 4.83 -23.86
CA PRO C 139 -6.14 3.83 -24.18
C PRO C 139 -6.69 2.85 -25.23
N ALA C 140 -6.90 3.36 -26.44
CA ALA C 140 -7.69 2.66 -27.49
C ALA C 140 -6.89 1.45 -27.97
N ALA C 142 -4.58 -0.25 -26.17
CA ALA C 142 -4.39 -1.25 -25.10
C ALA C 142 -5.70 -1.97 -24.75
N LEU C 143 -6.84 -1.25 -24.76
CA LEU C 143 -8.15 -1.83 -24.34
C LEU C 143 -8.49 -3.19 -25.02
N PRO C 144 -8.41 -3.45 -26.36
CA PRO C 144 -8.80 -4.76 -26.89
C PRO C 144 -8.06 -5.90 -26.20
N PHE C 145 -6.76 -5.71 -25.92
CA PHE C 145 -5.94 -6.74 -25.25
C PHE C 145 -6.32 -6.85 -23.78
N VAL C 146 -6.77 -5.77 -23.15
CA VAL C 146 -7.30 -5.86 -21.77
C VAL C 146 -8.70 -6.52 -21.77
N ALA C 147 -9.62 -6.08 -22.64
CA ALA C 147 -11.03 -6.52 -22.64
C ALA C 147 -11.17 -8.02 -23.00
N ARG C 148 -10.30 -8.56 -23.87
CA ARG C 148 -10.25 -10.01 -24.26
C ARG C 148 -9.90 -10.85 -23.04
N ARG C 149 -9.34 -10.25 -22.01
CA ARG C 149 -9.07 -10.87 -20.69
C ARG C 149 -10.15 -10.59 -19.65
N THR C 150 -10.56 -9.34 -19.46
CA THR C 150 -11.43 -8.96 -18.30
C THR C 150 -12.94 -9.00 -18.69
N GLY C 151 -13.24 -9.02 -19.97
CA GLY C 151 -14.62 -8.65 -20.39
C GLY C 151 -14.72 -7.15 -20.61
N GLU C 152 -15.65 -6.75 -21.47
CA GLU C 152 -15.76 -5.33 -21.88
C GLU C 152 -16.12 -4.46 -20.65
N GLN C 153 -17.05 -4.87 -19.77
CA GLN C 153 -17.55 -3.99 -18.68
C GLN C 153 -16.36 -3.67 -17.77
N ARG C 154 -15.62 -4.67 -17.27
CA ARG C 154 -14.54 -4.35 -16.30
C ARG C 154 -13.42 -3.55 -17.00
N ALA C 155 -13.14 -3.75 -18.27
CA ALA C 155 -12.04 -3.02 -18.97
C ALA C 155 -12.41 -1.53 -19.14
N PHE C 156 -13.66 -1.23 -19.54
CA PHE C 156 -14.17 0.15 -19.75
C PHE C 156 -14.43 0.86 -18.41
N ALA C 157 -14.89 0.17 -17.36
CA ALA C 157 -15.13 0.81 -16.04
C ALA C 157 -13.78 1.04 -15.32
N ALA C 158 -12.83 0.14 -15.48
CA ALA C 158 -11.46 0.33 -14.96
C ALA C 158 -10.79 1.51 -15.67
N THR C 159 -11.06 1.73 -16.94
CA THR C 159 -10.53 2.90 -17.68
C THR C 159 -11.16 4.21 -17.14
N LEU C 160 -12.49 4.25 -17.03
CA LEU C 160 -13.24 5.45 -16.62
C LEU C 160 -12.83 5.85 -15.19
N ARG C 161 -12.51 4.85 -14.37
CA ARG C 161 -12.25 5.08 -12.93
C ARG C 161 -10.75 5.07 -12.64
N ALA C 162 -9.91 4.82 -13.66
CA ALA C 162 -8.45 4.57 -13.59
C ALA C 162 -8.16 3.61 -12.41
N GLU C 163 -8.87 2.47 -12.41
CA GLU C 163 -8.83 1.50 -11.29
C GLU C 163 -7.41 0.88 -11.21
N GLU C 164 -6.89 0.71 -10.01
CA GLU C 164 -5.61 -0.02 -9.83
C GLU C 164 -5.89 -1.46 -9.37
N PHE C 165 -5.25 -2.43 -10.01
CA PHE C 165 -5.33 -3.85 -9.62
C PHE C 165 -4.00 -4.28 -9.02
N ASP C 166 -4.05 -4.92 -7.83
CA ASP C 166 -2.85 -5.65 -7.32
C ASP C 166 -2.90 -7.05 -7.92
N ALA C 167 -1.98 -7.95 -7.53
CA ALA C 167 -1.86 -9.32 -8.13
C ALA C 167 -3.17 -10.11 -7.97
N GLY C 168 -3.77 -10.13 -6.77
CA GLY C 168 -5.02 -10.86 -6.45
C GLY C 168 -6.18 -10.31 -7.27
N ALA C 169 -6.36 -8.97 -7.30
CA ALA C 169 -7.46 -8.33 -8.05
C ALA C 169 -7.29 -8.65 -9.54
N ALA C 170 -6.04 -8.56 -10.04
CA ALA C 170 -5.71 -8.80 -11.48
C ALA C 170 -6.04 -10.26 -11.77
N HIS C 171 -5.71 -11.13 -10.85
CA HIS C 171 -6.01 -12.57 -10.99
C HIS C 171 -7.53 -12.78 -11.02
N ARG C 172 -8.27 -12.14 -10.10
CA ARG C 172 -9.74 -12.34 -9.95
C ARG C 172 -10.43 -11.89 -11.25
N VAL C 173 -9.98 -10.80 -11.90
CA VAL C 173 -10.73 -10.25 -13.06
C VAL C 173 -10.20 -10.86 -14.37
N GLY C 174 -9.27 -11.83 -14.33
CA GLY C 174 -8.71 -12.42 -15.58
C GLY C 174 -7.54 -11.66 -16.24
N LEU C 175 -7.12 -10.48 -15.72
CA LEU C 175 -5.98 -9.70 -16.31
C LEU C 175 -4.66 -10.48 -16.08
N ALA C 176 -4.53 -11.13 -14.94
CA ALA C 176 -3.48 -12.12 -14.59
C ALA C 176 -4.07 -13.55 -14.60
N ASP C 177 -3.37 -14.49 -15.26
CA ASP C 177 -3.81 -15.92 -15.22
C ASP C 177 -3.33 -16.57 -13.94
N LEU C 178 -2.19 -16.13 -13.42
CA LEU C 178 -1.56 -16.70 -12.20
C LEU C 178 -0.99 -15.57 -11.33
N ALA C 179 -1.07 -15.75 -10.02
CA ALA C 179 -0.61 -14.79 -9.03
C ALA C 179 0.13 -15.57 -7.96
N GLY C 180 1.08 -14.91 -7.31
CA GLY C 180 1.79 -15.47 -6.15
C GLY C 180 2.83 -14.47 -5.67
N PRO C 181 3.62 -14.83 -4.66
CA PRO C 181 4.54 -13.89 -4.06
C PRO C 181 5.52 -13.30 -5.10
N ARG C 182 5.95 -14.07 -6.11
CA ARG C 182 6.88 -13.54 -7.15
C ARG C 182 6.50 -14.12 -8.50
N ALA C 183 6.31 -13.26 -9.50
CA ALA C 183 5.90 -13.71 -10.84
C ALA C 183 6.99 -14.62 -11.39
N GLU C 184 8.24 -14.28 -11.15
CA GLU C 184 9.37 -15.07 -11.69
C GLU C 184 9.30 -16.51 -11.17
N ASP C 185 8.90 -16.77 -9.93
CA ASP C 185 8.82 -18.16 -9.38
C ASP C 185 7.56 -18.93 -9.92
N LEU C 186 6.66 -18.25 -10.63
CA LEU C 186 5.52 -18.93 -11.30
C LEU C 186 5.97 -19.42 -12.69
N LEU C 187 7.04 -18.84 -13.23
CA LEU C 187 7.48 -19.17 -14.61
C LEU C 187 7.98 -20.62 -14.79
N PRO C 188 8.90 -21.20 -13.99
CA PRO C 188 9.35 -22.56 -14.25
C PRO C 188 8.20 -23.59 -14.37
N PRO C 189 7.16 -23.68 -13.48
CA PRO C 189 6.06 -24.61 -13.75
C PRO C 189 5.28 -24.37 -15.05
N VAL C 190 5.14 -23.10 -15.44
CA VAL C 190 4.51 -22.75 -16.75
C VAL C 190 5.38 -23.29 -17.89
N LEU C 191 6.70 -23.09 -17.83
CA LEU C 191 7.65 -23.59 -18.88
C LEU C 191 7.66 -25.12 -18.90
N ALA C 192 7.66 -25.75 -17.74
CA ALA C 192 7.58 -27.23 -17.60
C ALA C 192 6.30 -27.68 -18.29
N GLY C 193 5.17 -27.07 -17.97
CA GLY C 193 3.86 -27.43 -18.59
C GLY C 193 3.90 -27.28 -20.12
N LEU C 194 4.44 -26.18 -20.62
CA LEU C 194 4.46 -25.91 -22.10
C LEU C 194 5.36 -26.89 -22.88
N GLY C 195 6.42 -27.38 -22.24
CA GLY C 195 7.23 -28.47 -22.80
C GLY C 195 6.44 -29.74 -23.12
N ARG C 196 5.23 -29.95 -22.56
CA ARG C 196 4.38 -31.10 -22.93
C ARG C 196 3.81 -30.91 -24.33
N THR C 197 3.63 -29.67 -24.80
CA THR C 197 3.07 -29.45 -26.15
C THR C 197 4.22 -28.97 -27.03
N ASP C 198 3.90 -28.43 -28.20
CA ASP C 198 4.93 -28.01 -29.18
C ASP C 198 4.48 -26.71 -29.82
N ARG C 199 5.33 -26.15 -30.68
CA ARG C 199 5.12 -24.86 -31.36
C ARG C 199 3.99 -24.92 -32.39
N SER C 200 3.95 -26.00 -33.18
CA SER C 200 2.90 -26.21 -34.20
C SER C 200 1.49 -26.17 -33.55
N THR C 201 1.34 -26.78 -32.38
CA THR C 201 0.06 -26.91 -31.64
C THR C 201 -0.28 -25.53 -31.04
N THR C 202 0.71 -24.86 -30.44
CA THR C 202 0.53 -23.49 -29.87
C THR C 202 0.14 -22.54 -31.00
N ALA C 203 0.81 -22.63 -32.15
CA ALA C 203 0.57 -21.80 -33.36
C ALA C 203 -0.88 -22.01 -33.80
N ALA C 204 -1.32 -23.25 -33.89
CA ALA C 204 -2.69 -23.47 -34.42
C ALA C 204 -3.74 -22.94 -33.39
N LEU C 205 -3.49 -23.09 -32.10
CA LEU C 205 -4.40 -22.65 -30.98
C LEU C 205 -4.62 -21.13 -31.05
N LYS C 206 -3.52 -20.40 -31.16
CA LYS C 206 -3.52 -18.92 -31.25
C LYS C 206 -4.16 -18.48 -32.54
N GLU C 207 -3.87 -19.16 -33.66
CA GLU C 207 -4.54 -18.86 -34.95
C GLU C 207 -6.06 -19.07 -34.77
N TYR C 208 -6.47 -20.10 -34.07
CA TYR C 208 -7.92 -20.38 -33.90
C TYR C 208 -8.50 -19.33 -32.94
N ARG C 209 -7.77 -18.88 -31.94
CA ARG C 209 -8.33 -17.79 -31.10
C ARG C 209 -8.69 -16.57 -31.97
N ALA C 210 -7.82 -16.20 -32.91
CA ALA C 210 -8.05 -15.07 -33.86
C ALA C 210 -9.25 -15.40 -34.78
N ARG C 211 -9.46 -16.66 -35.12
CA ARG C 211 -10.61 -17.12 -35.95
C ARG C 211 -11.90 -17.01 -35.13
N LEU C 212 -11.83 -17.24 -33.82
CA LEU C 212 -13.04 -17.26 -32.95
C LEU C 212 -13.30 -15.91 -32.29
N PHE C 213 -12.24 -15.21 -31.85
CA PHE C 213 -12.37 -13.86 -31.24
C PHE C 213 -11.67 -12.84 -32.17
N PRO C 214 -12.12 -12.54 -33.42
CA PRO C 214 -11.35 -11.66 -34.29
C PRO C 214 -11.43 -10.16 -33.93
N ARG C 215 -10.35 -9.42 -34.21
CA ARG C 215 -10.34 -7.94 -34.27
C ARG C 215 -10.46 -7.54 -35.75
N ASP C 216 -11.42 -6.70 -36.14
CA ASP C 216 -11.61 -6.34 -37.57
C ASP C 216 -10.33 -5.64 -38.04
N ALA C 217 -10.10 -5.63 -39.35
CA ALA C 217 -8.86 -5.17 -40.01
C ALA C 217 -8.64 -3.68 -39.80
N ARG C 218 -9.66 -2.89 -39.51
CA ARG C 218 -9.51 -1.42 -39.41
C ARG C 218 -9.21 -1.02 -37.96
N LEU C 219 -9.30 -1.93 -36.99
CA LEU C 219 -9.30 -1.55 -35.54
C LEU C 219 -7.93 -0.97 -35.15
N GLY C 220 -6.86 -1.54 -35.67
CA GLY C 220 -5.50 -1.01 -35.40
C GLY C 220 -5.36 0.44 -35.82
N HIS C 221 -5.71 0.76 -37.06
CA HIS C 221 -5.68 2.16 -37.53
C HIS C 221 -6.58 3.02 -36.65
N ASP C 222 -7.84 2.61 -36.46
CA ASP C 222 -8.81 3.42 -35.70
C ASP C 222 -8.31 3.68 -34.28
N ALA C 223 -7.79 2.64 -33.61
CA ALA C 223 -7.29 2.79 -32.22
C ALA C 223 -6.10 3.76 -32.21
N SER C 224 -5.15 3.57 -33.12
CA SER C 224 -3.94 4.42 -33.29
C SER C 224 -4.38 5.87 -33.50
N ARG C 225 -5.40 6.06 -34.37
CA ARG C 225 -5.88 7.40 -34.75
C ARG C 225 -6.45 8.06 -33.49
N LEU C 226 -7.31 7.35 -32.77
CA LEU C 226 -7.97 7.93 -31.56
C LEU C 226 -6.89 8.35 -30.57
N LEU C 227 -5.84 7.55 -30.35
CA LEU C 227 -4.79 7.94 -29.39
C LEU C 227 -4.07 9.20 -29.87
N ILE C 228 -3.71 9.27 -31.17
CA ILE C 228 -3.01 10.43 -31.80
C ILE C 228 -3.91 11.68 -31.67
N GLU C 229 -5.19 11.59 -32.01
CA GLU C 229 -6.10 12.78 -31.95
C GLU C 229 -6.03 13.36 -30.54
N ARG C 230 -6.35 12.55 -29.53
CA ARG C 230 -6.48 13.04 -28.14
C ARG C 230 -5.12 13.56 -27.65
N PHE C 231 -4.01 12.92 -28.02
CA PHE C 231 -2.67 13.42 -27.63
C PHE C 231 -2.42 14.78 -28.30
N ALA C 232 -2.85 14.95 -29.55
CA ALA C 232 -2.60 16.23 -30.27
C ALA C 232 -3.61 17.30 -29.80
N ALA C 233 -4.49 16.98 -28.85
CA ALA C 233 -5.39 18.04 -28.33
C ALA C 233 -4.56 19.03 -27.50
N GLY C 235 -5.35 20.80 -24.60
CA GLY C 235 -5.54 20.63 -23.15
C GLY C 235 -4.68 19.50 -22.53
N THR C 236 -3.92 18.77 -23.35
CA THR C 236 -3.25 17.49 -22.98
C THR C 236 -1.94 17.79 -22.23
N GLY C 237 -1.14 18.75 -22.71
CA GLY C 237 0.16 19.15 -22.15
C GLY C 237 0.04 19.47 -20.66
N GLN C 238 -1.06 20.15 -20.29
CA GLN C 238 -1.44 20.49 -18.89
C GLN C 238 -1.73 19.18 -18.12
N LEU C 239 -2.67 18.38 -18.63
CA LEU C 239 -3.09 17.12 -17.93
C LEU C 239 -1.86 16.24 -17.73
N LEU C 240 -0.93 16.23 -18.67
CA LEU C 240 0.33 15.43 -18.56
C LEU C 240 1.26 16.01 -17.49
N ALA C 241 1.35 17.33 -17.41
CA ALA C 241 2.11 18.03 -16.35
C ALA C 241 1.52 17.59 -15.00
N ARG C 242 0.21 17.81 -14.82
CA ARG C 242 -0.56 17.40 -13.59
C ARG C 242 -0.25 15.96 -13.19
N LEU C 243 -0.29 15.03 -14.16
CA LEU C 243 -0.06 13.58 -13.95
C LEU C 243 1.40 13.44 -13.51
N ARG C 244 2.28 14.29 -14.07
CA ARG C 244 3.73 14.37 -13.75
C ARG C 244 3.88 14.80 -12.29
N GLU C 245 3.29 15.92 -11.93
CA GLU C 245 3.40 16.51 -10.56
C GLU C 245 2.82 15.55 -9.53
N ALA C 246 1.80 14.75 -9.89
CA ALA C 246 1.18 13.79 -8.96
C ALA C 246 2.12 12.58 -8.79
N GLY C 247 2.92 12.26 -9.81
CA GLY C 247 3.84 11.10 -9.78
C GLY C 247 3.11 9.81 -10.12
N ASP D 9 -6.06 33.21 13.36
CA ASP D 9 -5.02 33.24 12.28
C ASP D 9 -5.36 32.15 11.25
N PRO D 10 -5.28 30.82 11.56
CA PRO D 10 -5.58 29.81 10.54
C PRO D 10 -7.07 29.52 10.25
N ALA D 11 -8.01 29.92 11.13
CA ALA D 11 -9.42 29.49 11.06
C ALA D 11 -10.06 29.94 9.75
N PRO D 12 -9.86 31.19 9.27
CA PRO D 12 -10.31 31.56 7.91
C PRO D 12 -9.67 30.75 6.75
N VAL D 13 -8.37 30.43 6.88
CA VAL D 13 -7.65 29.63 5.84
C VAL D 13 -8.28 28.23 5.79
N ALA D 14 -8.56 27.69 6.98
CA ALA D 14 -9.15 26.35 7.21
C ALA D 14 -10.53 26.33 6.52
N ARG D 15 -11.30 27.42 6.63
CA ARG D 15 -12.66 27.45 6.05
C ARG D 15 -12.60 27.57 4.52
N ALA D 16 -11.75 28.46 4.00
CA ALA D 16 -11.56 28.53 2.53
C ALA D 16 -11.14 27.16 1.98
N LEU D 17 -10.22 26.44 2.63
CA LEU D 17 -9.78 25.12 2.14
C LEU D 17 -10.93 24.10 2.30
N ARG D 18 -11.63 24.13 3.44
CA ARG D 18 -12.76 23.20 3.76
C ARG D 18 -13.86 23.32 2.69
N GLU D 19 -14.15 24.53 2.22
CA GLU D 19 -15.21 24.69 1.19
C GLU D 19 -14.66 24.09 -0.13
N GLU D 20 -13.39 24.28 -0.45
CA GLU D 20 -12.88 23.83 -1.76
C GLU D 20 -12.85 22.28 -1.75
N LEU D 21 -12.41 21.68 -0.65
CA LEU D 21 -12.30 20.22 -0.42
C LEU D 21 -13.69 19.62 -0.54
N ALA D 22 -14.69 20.19 0.13
CA ALA D 22 -16.11 19.83 0.01
C ALA D 22 -16.54 19.77 -1.47
N ARG D 23 -16.27 20.82 -2.25
CA ARG D 23 -16.61 20.79 -3.70
C ARG D 23 -15.84 19.69 -4.43
N THR D 24 -14.55 19.47 -4.18
CA THR D 24 -13.76 18.48 -4.95
C THR D 24 -14.32 17.06 -4.67
N LEU D 25 -14.77 16.81 -3.43
CA LEU D 25 -15.20 15.48 -2.93
C LEU D 25 -16.72 15.31 -2.91
N TYR D 26 -17.51 16.29 -3.36
CA TYR D 26 -18.97 16.15 -3.59
C TYR D 26 -19.60 15.87 -2.22
N CYS D 27 -19.20 16.66 -1.23
CA CYS D 27 -19.85 16.65 0.11
C CYS D 27 -20.04 18.10 0.59
N GLU D 28 -20.65 18.27 1.76
CA GLU D 28 -20.88 19.61 2.33
C GLU D 28 -19.72 19.92 3.24
N PRO D 29 -19.28 21.20 3.33
CA PRO D 29 -18.15 21.56 4.21
C PRO D 29 -18.35 21.01 5.64
N GLY D 30 -19.58 21.08 6.17
CA GLY D 30 -19.93 20.56 7.50
C GLY D 30 -19.74 19.04 7.63
N ASP D 31 -19.61 18.30 6.53
CA ASP D 31 -19.29 16.85 6.57
C ASP D 31 -17.78 16.61 6.80
N ILE D 32 -16.93 17.63 6.71
CA ILE D 32 -15.46 17.39 6.71
C ILE D 32 -14.90 17.58 8.12
N ASP D 33 -14.17 16.57 8.61
CA ASP D 33 -13.39 16.63 9.88
C ASP D 33 -12.03 17.24 9.53
N ASP D 34 -11.72 18.42 10.07
CA ASP D 34 -10.48 19.14 9.73
C ASP D 34 -9.27 18.27 10.10
N GLU D 35 -9.43 17.34 11.05
CA GLU D 35 -8.26 16.54 11.58
C GLU D 35 -8.17 15.18 10.83
N ALA D 36 -9.13 14.84 9.97
CA ALA D 36 -9.06 13.59 9.19
C ALA D 36 -7.92 13.69 8.14
N SER D 37 -7.16 12.61 7.95
CA SER D 37 -6.13 12.52 6.91
C SER D 37 -6.80 12.75 5.55
N PHE D 38 -6.10 13.38 4.62
CA PHE D 38 -6.55 13.49 3.21
C PHE D 38 -6.82 12.07 2.67
N ASN D 39 -6.04 11.04 3.03
CA ASN D 39 -6.28 9.65 2.54
C ASN D 39 -7.63 9.15 3.10
N THR D 40 -7.97 9.43 4.37
CA THR D 40 -9.28 8.99 4.93
C THR D 40 -10.46 9.68 4.21
N LEU D 41 -10.35 10.99 3.90
CA LEU D 41 -11.43 11.78 3.22
C LEU D 41 -11.63 11.32 1.77
N GLY D 42 -10.60 10.73 1.14
CA GLY D 42 -10.64 10.15 -0.23
C GLY D 42 -10.08 11.11 -1.28
N LEU D 43 -9.10 11.93 -0.91
CA LEU D 43 -8.43 12.84 -1.89
C LEU D 43 -7.23 12.11 -2.50
N ASP D 44 -7.26 11.84 -3.81
CA ASP D 44 -6.19 11.08 -4.53
C ASP D 44 -5.02 11.99 -4.93
N SER D 45 -3.97 11.46 -5.60
CA SER D 45 -2.86 12.33 -5.87
C SER D 45 -3.35 13.36 -6.89
N ILE D 46 -4.35 13.03 -7.72
CA ILE D 46 -4.75 13.93 -8.84
C ILE D 46 -5.46 15.18 -8.28
N LEU D 47 -6.55 14.99 -7.55
CA LEU D 47 -7.29 16.14 -6.98
C LEU D 47 -6.36 16.82 -5.96
N GLY D 48 -5.43 16.08 -5.35
CA GLY D 48 -4.39 16.66 -4.47
C GLY D 48 -3.60 17.74 -5.19
N VAL D 49 -3.11 17.46 -6.41
CA VAL D 49 -2.39 18.47 -7.24
C VAL D 49 -3.35 19.63 -7.55
N GLU D 50 -4.59 19.37 -7.97
CA GLU D 50 -5.56 20.48 -8.18
C GLU D 50 -5.75 21.28 -6.89
N PHE D 51 -5.86 20.60 -5.74
CA PHE D 51 -6.12 21.29 -4.45
C PHE D 51 -4.95 22.22 -4.12
N VAL D 52 -3.71 21.75 -4.31
CA VAL D 52 -2.47 22.53 -4.04
C VAL D 52 -2.45 23.73 -5.00
N ALA D 53 -2.76 23.54 -6.29
CA ALA D 53 -2.83 24.65 -7.27
C ALA D 53 -3.87 25.67 -6.79
N PHE D 54 -4.94 25.22 -6.13
CA PHE D 54 -5.98 26.09 -5.54
C PHE D 54 -5.37 26.91 -4.41
N VAL D 55 -4.68 26.25 -3.49
CA VAL D 55 -3.95 26.89 -2.35
C VAL D 55 -3.04 27.97 -2.94
N ASN D 56 -2.25 27.62 -3.96
CA ASN D 56 -1.24 28.55 -4.56
C ASN D 56 -1.93 29.77 -5.17
N GLN D 57 -2.99 29.58 -5.97
CA GLN D 57 -3.76 30.66 -6.64
C GLN D 57 -4.33 31.65 -5.59
N THR D 58 -5.09 31.13 -4.63
CA THR D 58 -5.84 31.85 -3.58
C THR D 58 -4.91 32.63 -2.64
N TYR D 59 -3.69 32.11 -2.36
CA TYR D 59 -2.76 32.66 -1.33
C TYR D 59 -1.47 33.16 -2.01
N GLY D 60 -1.44 33.21 -3.34
CA GLY D 60 -0.24 33.56 -4.13
C GLY D 60 0.99 32.83 -3.60
N LEU D 61 0.93 31.50 -3.49
CA LEU D 61 2.16 30.78 -3.05
C LEU D 61 2.70 29.93 -4.20
N ASP D 62 3.76 29.18 -3.97
CA ASP D 62 4.29 28.24 -5.00
C ASP D 62 4.64 26.93 -4.31
N GLU D 63 3.66 26.34 -3.60
CA GLU D 63 3.88 25.07 -2.89
C GLU D 63 3.95 23.90 -3.87
N LYS D 64 4.81 22.93 -3.60
CA LYS D 64 4.91 21.65 -4.37
C LYS D 64 3.70 20.80 -3.97
N ALA D 65 3.28 19.86 -4.82
CA ALA D 65 2.15 18.95 -4.53
C ALA D 65 2.50 18.09 -3.30
N GLY D 66 3.79 17.89 -3.01
CA GLY D 66 4.24 17.10 -1.86
C GLY D 66 3.76 17.63 -0.50
N ILE D 67 3.34 18.92 -0.41
CA ILE D 67 2.96 19.59 0.87
C ILE D 67 1.77 18.86 1.55
N LEU D 68 0.90 18.24 0.75
CA LEU D 68 -0.24 17.45 1.30
C LEU D 68 0.33 16.22 2.02
N TYR D 69 1.54 15.76 1.67
CA TYR D 69 2.21 14.65 2.41
C TYR D 69 2.80 15.19 3.72
N ASP D 70 3.38 16.39 3.71
CA ASP D 70 4.01 16.98 4.92
C ASP D 70 2.93 17.38 5.94
N HIS D 71 1.79 17.90 5.47
CA HIS D 71 0.68 18.39 6.34
C HIS D 71 -0.62 17.73 5.89
N PRO D 72 -0.80 16.45 6.27
CA PRO D 72 -1.78 15.58 5.66
C PRO D 72 -3.20 15.66 6.24
N SER D 73 -3.59 16.84 6.73
CA SER D 73 -4.97 17.16 7.15
C SER D 73 -5.28 18.62 6.82
N LEU D 74 -6.55 18.94 6.72
CA LEU D 74 -7.04 20.33 6.57
C LEU D 74 -6.44 21.21 7.69
N ALA D 75 -6.55 20.80 8.96
CA ALA D 75 -6.01 21.58 10.09
C ALA D 75 -4.52 21.86 9.87
N ALA D 76 -3.73 20.82 9.59
CA ALA D 76 -2.25 20.93 9.47
C ALA D 76 -1.92 21.82 8.26
N LEU D 77 -2.57 21.61 7.12
CA LEU D 77 -2.28 22.41 5.91
C LEU D 77 -2.64 23.89 6.20
N SER D 78 -3.77 24.14 6.84
CA SER D 78 -4.30 25.51 7.06
C SER D 78 -3.34 26.28 7.99
N ARG D 79 -2.65 25.59 8.93
CA ARG D 79 -1.66 26.26 9.81
C ARG D 79 -0.42 26.61 8.99
N HIS D 80 0.09 25.64 8.22
CA HIS D 80 1.26 25.84 7.34
C HIS D 80 0.98 27.00 6.39
N VAL D 81 -0.18 27.02 5.72
CA VAL D 81 -0.57 28.10 4.75
C VAL D 81 -0.71 29.45 5.47
N ALA D 82 -1.39 29.49 6.61
CA ALA D 82 -1.63 30.78 7.30
C ALA D 82 -0.28 31.37 7.74
N GLY D 83 0.67 30.52 8.10
CA GLY D 83 2.00 30.97 8.56
C GLY D 83 2.87 31.42 7.40
N ARG D 84 2.47 31.12 6.18
CA ARG D 84 3.22 31.56 4.98
C ARG D 84 2.48 32.77 4.41
N ALA D 85 1.31 33.09 4.96
CA ALA D 85 0.50 34.22 4.45
C ALA D 85 0.97 35.53 5.06
N ALA D 86 0.65 36.67 4.42
CA ALA D 86 1.09 38.00 4.89
C ALA D 86 0.80 38.17 6.39
#